data_1MRK
#
_entry.id   1MRK
#
_cell.length_a   38.240
_cell.length_b   76.740
_cell.length_c   79.250
_cell.angle_alpha   90.00
_cell.angle_beta   90.00
_cell.angle_gamma   90.00
#
_symmetry.space_group_name_H-M   'P 21 21 21'
#
loop_
_entity.id
_entity.type
_entity.pdbx_description
1 polymer ALPHA-TRICHOSANTHIN
2 non-polymer (1S)-1-(7-amino-1H-pyrazolo[4,3-d]pyrimidin-3-yl)-1,4-anhydro-D-ribitol
3 water water
#
_entity_poly.entity_id   1
_entity_poly.type   'polypeptide(L)'
_entity_poly.pdbx_seq_one_letter_code
;DVSFRLSGATSSSYGVFISNLRKALPNERKLYDIPLLRSSLPGSQRYALIHLTNYADETISVAIDVTNVYIMGYRAGDTS
YFFNEASATEAAKYVFKDAMRKVTLPYSGNYERLQTAAGKIRENIPLGLPALDSAITTLFYYNANSAASALMVLIQSTSE
AARYKFIEQQIGKRVDKTFLPSLAIISLENSWSALSKQIQIASTNNGQFESPVVLINAQNQRVTITNVDAGVVTSNIALL
LNRNNMA
;
_entity_poly.pdbx_strand_id   A
#
# COMPACT_ATOMS: atom_id res chain seq x y z
N ASP A 1 -10.03 13.69 1.47
CA ASP A 1 -8.59 13.41 1.25
C ASP A 1 -7.95 13.16 2.59
N VAL A 2 -6.78 12.55 2.55
CA VAL A 2 -5.98 12.32 3.75
C VAL A 2 -4.65 12.99 3.50
N SER A 3 -4.07 13.51 4.56
CA SER A 3 -2.80 14.24 4.49
C SER A 3 -1.79 13.73 5.48
N PHE A 4 -0.53 13.65 5.04
CA PHE A 4 0.55 13.39 5.97
C PHE A 4 1.67 14.39 5.71
N ARG A 5 2.11 15.02 6.79
CA ARG A 5 3.23 15.97 6.78
C ARG A 5 4.41 15.32 7.50
N LEU A 6 5.54 15.23 6.81
CA LEU A 6 6.74 14.66 7.39
C LEU A 6 7.50 15.57 8.36
N SER A 7 7.48 16.88 8.16
CA SER A 7 8.13 17.78 9.11
C SER A 7 7.40 17.75 10.46
N GLY A 8 8.11 17.39 11.53
CA GLY A 8 7.50 17.31 12.84
C GLY A 8 6.75 16.00 13.05
N ALA A 9 6.90 15.08 12.10
CA ALA A 9 6.23 13.79 12.20
C ALA A 9 6.79 12.98 13.38
N THR A 10 5.95 12.10 13.92
CA THR A 10 6.34 11.19 15.00
C THR A 10 5.71 9.83 14.68
N SER A 11 5.99 8.83 15.50
CA SER A 11 5.33 7.52 15.38
C SER A 11 3.82 7.66 15.50
N SER A 12 3.39 8.48 16.44
CA SER A 12 1.99 8.73 16.68
C SER A 12 1.29 9.27 15.45
N SER A 13 1.86 10.32 14.84
CA SER A 13 1.18 11.02 13.73
C SER A 13 1.17 10.17 12.46
N TYR A 14 2.15 9.28 12.33
CA TYR A 14 2.11 8.30 11.25
C TYR A 14 0.96 7.31 11.47
N GLY A 15 0.75 6.91 12.72
CA GLY A 15 -0.29 5.96 13.03
C GLY A 15 -1.65 6.60 12.75
N VAL A 16 -1.79 7.85 13.17
CA VAL A 16 -2.99 8.65 12.88
C VAL A 16 -3.22 8.68 11.37
N PHE A 17 -2.16 8.99 10.61
CA PHE A 17 -2.25 8.99 9.14
C PHE A 17 -2.79 7.67 8.60
N ILE A 18 -2.19 6.56 9.04
CA ILE A 18 -2.61 5.26 8.54
C ILE A 18 -4.01 4.87 8.99
N SER A 19 -4.43 5.26 10.20
CA SER A 19 -5.84 5.07 10.62
C SER A 19 -6.83 5.80 9.71
N ASN A 20 -6.55 7.06 9.41
CA ASN A 20 -7.41 7.85 8.54
C ASN A 20 -7.45 7.28 7.14
N LEU A 21 -6.33 6.75 6.66
CA LEU A 21 -6.30 6.13 5.35
C LEU A 21 -7.24 4.95 5.30
N ARG A 22 -7.15 4.07 6.30
CA ARG A 22 -8.06 2.94 6.38
C ARG A 22 -9.51 3.39 6.47
N LYS A 23 -9.78 4.39 7.29
CA LYS A 23 -11.14 4.94 7.42
C LYS A 23 -11.73 5.50 6.14
N ALA A 24 -10.86 5.93 5.23
CA ALA A 24 -11.26 6.46 3.92
C ALA A 24 -11.78 5.38 2.97
N LEU A 25 -11.44 4.12 3.26
CA LEU A 25 -11.82 3.04 2.37
C LEU A 25 -13.19 2.51 2.77
N PRO A 26 -14.12 2.45 1.81
CA PRO A 26 -15.44 1.90 2.10
C PRO A 26 -15.47 0.36 2.18
N ASN A 27 -16.31 -0.15 3.06
CA ASN A 27 -16.45 -1.57 3.27
C ASN A 27 -17.92 -1.77 3.61
N GLU A 28 -18.52 -2.83 3.12
CA GLU A 28 -19.88 -3.15 3.61
C GLU A 28 -19.84 -4.16 4.75
N ARG A 29 -19.07 -5.22 4.60
CA ARG A 29 -18.98 -6.24 5.64
C ARG A 29 -17.70 -6.08 6.44
N LYS A 30 -17.71 -6.60 7.66
CA LYS A 30 -16.49 -6.99 8.34
C LYS A 30 -16.57 -8.50 8.55
N LEU A 31 -15.49 -9.21 8.26
CA LEU A 31 -15.40 -10.63 8.61
C LEU A 31 -14.40 -10.69 9.74
N TYR A 32 -14.81 -11.32 10.85
CA TYR A 32 -13.93 -11.48 12.00
C TYR A 32 -13.34 -10.16 12.43
N ASP A 33 -14.14 -9.10 12.36
CA ASP A 33 -13.77 -7.76 12.79
C ASP A 33 -12.83 -7.05 11.83
N ILE A 34 -12.60 -7.63 10.66
CA ILE A 34 -11.75 -7.01 9.64
C ILE A 34 -12.62 -6.45 8.50
N PRO A 35 -12.42 -5.19 8.12
CA PRO A 35 -13.04 -4.58 6.94
C PRO A 35 -12.87 -5.41 5.67
N LEU A 36 -14.00 -5.78 5.05
CA LEU A 36 -14.01 -6.33 3.69
C LEU A 36 -14.23 -5.20 2.68
N LEU A 37 -13.24 -4.98 1.81
CA LEU A 37 -13.31 -3.94 0.79
C LEU A 37 -14.36 -4.29 -0.28
N ARG A 38 -14.90 -3.25 -0.89
CA ARG A 38 -15.94 -3.39 -1.91
C ARG A 38 -15.40 -4.03 -3.17
N SER A 39 -16.28 -4.66 -3.92
CA SER A 39 -15.95 -5.36 -5.16
C SER A 39 -15.85 -4.32 -6.29
N SER A 40 -16.86 -3.47 -6.42
CA SER A 40 -16.95 -2.54 -7.55
C SER A 40 -17.51 -1.21 -7.08
N LEU A 41 -16.89 -0.11 -7.52
CA LEU A 41 -17.41 1.22 -7.24
C LEU A 41 -17.43 2.04 -8.50
N PRO A 42 -18.45 2.89 -8.68
CA PRO A 42 -18.43 3.82 -9.82
C PRO A 42 -17.20 4.69 -9.73
N GLY A 43 -16.79 5.23 -10.88
CA GLY A 43 -15.58 6.02 -10.96
C GLY A 43 -15.52 7.19 -9.99
N SER A 44 -16.66 7.85 -9.75
CA SER A 44 -16.67 9.01 -8.85
C SER A 44 -16.62 8.64 -7.36
N GLN A 45 -16.65 7.35 -7.09
CA GLN A 45 -16.55 6.89 -5.72
C GLN A 45 -15.26 6.08 -5.50
N ARG A 46 -14.52 5.81 -6.57
CA ARG A 46 -13.49 4.76 -6.51
C ARG A 46 -12.12 5.24 -6.01
N TYR A 47 -11.84 6.53 -6.13
CA TYR A 47 -10.49 7.02 -5.83
C TYR A 47 -10.42 7.99 -4.68
N ALA A 48 -9.33 7.89 -3.92
CA ALA A 48 -9.11 8.79 -2.79
C ALA A 48 -7.74 9.43 -2.98
N LEU A 49 -7.61 10.68 -2.57
CA LEU A 49 -6.37 11.42 -2.70
C LEU A 49 -5.69 11.45 -1.34
N ILE A 50 -4.40 11.16 -1.33
CA ILE A 50 -3.62 11.36 -0.12
C ILE A 50 -2.52 12.34 -0.46
N HIS A 51 -2.36 13.35 0.39
CA HIS A 51 -1.38 14.39 0.12
C HIS A 51 -0.22 14.20 1.06
N LEU A 52 0.98 14.12 0.50
CA LEU A 52 2.18 13.86 1.29
C LEU A 52 3.15 15.02 1.10
N THR A 53 3.63 15.58 2.22
CA THR A 53 4.56 16.71 2.21
C THR A 53 5.84 16.30 2.92
N ASN A 54 6.97 16.48 2.24
CA ASN A 54 8.26 16.10 2.81
C ASN A 54 8.84 17.22 3.68
N TYR A 55 10.05 17.01 4.21
CA TYR A 55 10.64 17.91 5.20
C TYR A 55 10.85 19.31 4.63
N ALA A 56 11.13 19.36 3.33
CA ALA A 56 11.37 20.61 2.60
C ALA A 56 10.06 21.23 2.12
N ASP A 57 8.93 20.74 2.64
CA ASP A 57 7.60 21.24 2.30
C ASP A 57 7.24 21.12 0.84
N GLU A 58 7.79 20.12 0.17
CA GLU A 58 7.38 19.76 -1.17
C GLU A 58 6.26 18.70 -1.10
N THR A 59 5.18 18.89 -1.87
CA THR A 59 4.00 18.04 -1.76
C THR A 59 3.72 17.26 -3.04
N ILE A 60 3.35 15.99 -2.90
CA ILE A 60 2.73 15.23 -4.00
C ILE A 60 1.38 14.70 -3.51
N SER A 61 0.45 14.54 -4.45
CA SER A 61 -0.85 13.94 -4.21
C SER A 61 -0.88 12.61 -4.93
N VAL A 62 -1.28 11.59 -4.19
CA VAL A 62 -1.27 10.22 -4.68
C VAL A 62 -2.72 9.71 -4.76
N ALA A 63 -3.08 9.16 -5.91
CA ALA A 63 -4.43 8.60 -6.09
C ALA A 63 -4.44 7.10 -5.85
N ILE A 64 -5.31 6.64 -4.95
CA ILE A 64 -5.45 5.23 -4.65
C ILE A 64 -6.83 4.76 -5.07
N ASP A 65 -6.88 3.56 -5.64
CA ASP A 65 -8.13 2.86 -5.85
C ASP A 65 -8.58 2.29 -4.48
N VAL A 66 -9.76 2.71 -4.01
CA VAL A 66 -10.25 2.25 -2.70
C VAL A 66 -10.78 0.80 -2.65
N THR A 67 -10.86 0.11 -3.79
CA THR A 67 -11.27 -1.29 -3.78
C THR A 67 -10.10 -2.25 -3.53
N ASN A 68 -8.88 -1.83 -3.80
CA ASN A 68 -7.74 -2.73 -3.61
C ASN A 68 -6.55 -2.03 -2.96
N VAL A 69 -6.73 -0.76 -2.60
CA VAL A 69 -5.67 0.11 -2.10
C VAL A 69 -4.46 0.21 -3.06
N TYR A 70 -4.64 0.01 -4.35
CA TYR A 70 -3.54 0.22 -5.31
C TYR A 70 -3.29 1.72 -5.56
N ILE A 71 -2.02 2.08 -5.70
CA ILE A 71 -1.64 3.42 -6.13
C ILE A 71 -1.77 3.47 -7.67
N MET A 72 -2.61 4.39 -8.16
CA MET A 72 -2.85 4.60 -9.59
C MET A 72 -1.79 5.51 -10.20
N GLY A 73 -1.43 6.55 -9.46
CA GLY A 73 -0.49 7.54 -9.97
C GLY A 73 -0.40 8.66 -8.98
N TYR A 74 0.36 9.71 -9.32
CA TYR A 74 0.54 10.84 -8.43
C TYR A 74 0.67 12.12 -9.23
N ARG A 75 0.49 13.24 -8.55
CA ARG A 75 0.63 14.55 -9.17
C ARG A 75 1.72 15.34 -8.45
N ALA A 76 2.59 15.96 -9.24
CA ALA A 76 3.60 16.87 -8.71
C ALA A 76 3.47 18.19 -9.46
N GLY A 77 2.89 19.17 -8.78
CA GLY A 77 2.66 20.45 -9.40
C GLY A 77 1.65 20.34 -10.52
N ASP A 78 2.10 20.56 -11.75
CA ASP A 78 1.21 20.61 -12.90
C ASP A 78 1.30 19.35 -13.75
N THR A 79 2.13 18.41 -13.34
CA THR A 79 2.24 17.16 -14.08
C THR A 79 1.68 16.01 -13.28
N SER A 80 0.95 15.14 -13.96
CA SER A 80 0.53 13.89 -13.36
C SER A 80 1.28 12.71 -13.98
N TYR A 81 1.41 11.63 -13.21
CA TYR A 81 2.15 10.43 -13.60
C TYR A 81 1.24 9.28 -13.25
N PHE A 82 1.01 8.41 -14.24
CA PHE A 82 0.21 7.19 -14.02
C PHE A 82 1.03 5.97 -14.39
N PHE A 83 0.80 4.88 -13.65
CA PHE A 83 1.34 3.58 -14.00
C PHE A 83 0.77 3.12 -15.33
N ASN A 84 1.57 2.35 -16.04
CA ASN A 84 1.15 1.78 -17.30
C ASN A 84 0.35 0.51 -17.06
N GLU A 85 -0.88 0.67 -16.61
CA GLU A 85 -1.76 -0.46 -16.40
C GLU A 85 -3.21 0.01 -16.47
N ALA A 86 -4.08 -0.92 -16.85
CA ALA A 86 -5.46 -0.63 -17.26
C ALA A 86 -6.28 0.14 -16.23
N SER A 87 -6.19 -0.28 -14.98
CA SER A 87 -6.88 0.42 -13.88
C SER A 87 -6.37 1.85 -13.69
N ALA A 88 -5.08 2.06 -13.95
CA ALA A 88 -4.48 3.38 -13.88
C ALA A 88 -4.97 4.25 -15.04
N THR A 89 -5.15 3.68 -16.22
CA THR A 89 -5.67 4.51 -17.33
C THR A 89 -7.17 4.80 -17.19
N GLU A 90 -7.90 3.89 -16.55
CA GLU A 90 -9.27 4.16 -16.10
C GLU A 90 -9.33 5.29 -15.09
N ALA A 91 -8.45 5.26 -14.09
CA ALA A 91 -8.37 6.31 -13.07
C ALA A 91 -8.11 7.70 -13.63
N ALA A 92 -7.26 7.75 -14.66
CA ALA A 92 -6.82 9.01 -15.25
C ALA A 92 -8.02 9.75 -15.83
N LYS A 93 -9.15 9.06 -15.98
CA LYS A 93 -10.40 9.67 -16.39
C LYS A 93 -11.04 10.53 -15.27
N TYR A 94 -10.65 10.27 -14.02
CA TYR A 94 -11.33 10.89 -12.89
C TYR A 94 -10.45 11.77 -12.02
N VAL A 95 -9.17 11.47 -11.95
CA VAL A 95 -8.30 12.17 -11.02
C VAL A 95 -7.29 13.05 -11.74
N PHE A 96 -6.90 14.16 -11.12
CA PHE A 96 -5.84 15.05 -11.60
C PHE A 96 -6.19 15.65 -12.96
N LYS A 97 -7.47 15.90 -13.18
CA LYS A 97 -7.96 16.25 -14.51
C LYS A 97 -7.44 17.58 -15.05
N ASP A 98 -7.09 18.48 -14.14
CA ASP A 98 -6.66 19.84 -14.47
C ASP A 98 -5.16 19.92 -14.68
N ALA A 99 -4.46 18.81 -14.43
CA ALA A 99 -3.02 18.72 -14.65
C ALA A 99 -2.72 19.03 -16.12
N MET A 100 -1.67 19.80 -16.37
CA MET A 100 -1.35 20.22 -17.73
C MET A 100 -0.56 19.18 -18.51
N ARG A 101 0.40 18.54 -17.83
CA ARG A 101 1.20 17.43 -18.36
C ARG A 101 0.68 16.15 -17.70
N LYS A 102 0.53 15.08 -18.49
CA LYS A 102 0.28 13.75 -17.97
C LYS A 102 1.37 12.85 -18.53
N VAL A 103 2.13 12.18 -17.69
CA VAL A 103 3.04 11.17 -18.19
C VAL A 103 2.62 9.77 -17.74
N THR A 104 2.69 8.83 -18.69
CA THR A 104 2.50 7.42 -18.40
C THR A 104 3.86 6.76 -18.14
N LEU A 105 4.04 6.25 -16.92
CA LEU A 105 5.29 5.58 -16.54
C LEU A 105 5.48 4.32 -17.39
N PRO A 106 6.73 3.89 -17.60
CA PRO A 106 7.04 2.73 -18.46
C PRO A 106 6.75 1.35 -17.85
N TYR A 107 6.04 1.30 -16.73
CA TYR A 107 5.80 0.05 -16.04
C TYR A 107 4.49 0.17 -15.27
N SER A 108 3.89 -0.98 -14.97
CA SER A 108 2.76 -1.05 -14.05
C SER A 108 3.27 -0.88 -12.63
N GLY A 109 2.36 -0.97 -11.66
CA GLY A 109 2.71 -0.87 -10.26
C GLY A 109 3.01 -2.20 -9.58
N ASN A 110 3.23 -3.25 -10.35
CA ASN A 110 3.48 -4.51 -9.68
C ASN A 110 4.98 -4.74 -9.36
N TYR A 111 5.23 -5.30 -8.19
CA TYR A 111 6.57 -5.38 -7.62
C TYR A 111 7.57 -6.04 -8.53
N GLU A 112 7.16 -7.07 -9.28
CA GLU A 112 8.13 -7.74 -10.14
C GLU A 112 8.66 -6.76 -11.19
N ARG A 113 7.77 -5.95 -11.76
CA ARG A 113 8.17 -4.92 -12.75
C ARG A 113 9.02 -3.81 -12.10
N LEU A 114 8.56 -3.32 -10.96
CA LEU A 114 9.20 -2.23 -10.25
C LEU A 114 10.60 -2.59 -9.78
N GLN A 115 10.77 -3.80 -9.23
CA GLN A 115 12.08 -4.25 -8.76
C GLN A 115 13.05 -4.40 -9.92
N THR A 116 12.56 -4.97 -11.02
CA THR A 116 13.32 -5.06 -12.27
C THR A 116 13.77 -3.67 -12.72
N ALA A 117 12.81 -2.75 -12.80
CA ALA A 117 13.07 -1.36 -13.15
C ALA A 117 14.06 -0.72 -12.18
N ALA A 118 13.87 -0.91 -10.88
CA ALA A 118 14.74 -0.32 -9.89
C ALA A 118 16.12 -0.99 -9.88
N GLY A 119 16.17 -2.25 -10.27
CA GLY A 119 17.42 -2.99 -10.20
C GLY A 119 17.79 -3.32 -8.77
N LYS A 120 16.76 -3.43 -7.93
CA LYS A 120 16.91 -3.71 -6.50
C LYS A 120 15.70 -4.52 -6.05
N ILE A 121 15.93 -5.47 -5.15
CA ILE A 121 14.82 -6.20 -4.52
C ILE A 121 14.33 -5.43 -3.30
N ARG A 122 13.09 -5.71 -2.92
CA ARG A 122 12.46 -5.05 -1.78
C ARG A 122 13.31 -5.11 -0.49
N GLU A 123 13.90 -6.27 -0.20
CA GLU A 123 14.72 -6.41 1.01
C GLU A 123 15.89 -5.45 1.12
N ASN A 124 16.31 -4.88 -0.02
CA ASN A 124 17.46 -4.00 -0.07
C ASN A 124 17.12 -2.55 -0.18
N ILE A 125 15.84 -2.22 -0.11
CA ILE A 125 15.42 -0.83 -0.19
C ILE A 125 14.96 -0.33 1.20
N PRO A 126 15.65 0.69 1.74
CA PRO A 126 15.33 1.22 3.07
C PRO A 126 13.90 1.78 3.20
N LEU A 127 13.28 1.47 4.34
CA LEU A 127 11.98 2.07 4.70
C LEU A 127 12.16 2.86 6.00
N GLY A 128 11.10 3.48 6.47
CA GLY A 128 11.19 4.43 7.56
C GLY A 128 10.73 5.80 7.10
N LEU A 129 10.45 6.69 8.03
CA LEU A 129 9.96 8.03 7.67
C LEU A 129 10.98 8.87 6.87
N PRO A 130 12.29 8.77 7.17
CA PRO A 130 13.26 9.48 6.32
C PRO A 130 13.32 8.93 4.89
N ALA A 131 13.07 7.63 4.73
CA ALA A 131 13.02 7.04 3.40
C ALA A 131 11.79 7.55 2.64
N LEU A 132 10.67 7.76 3.34
CA LEU A 132 9.50 8.35 2.71
C LEU A 132 9.73 9.81 2.29
N ASP A 133 10.41 10.60 3.11
CA ASP A 133 10.77 11.95 2.72
C ASP A 133 11.57 11.97 1.41
N SER A 134 12.59 11.11 1.36
CA SER A 134 13.43 10.95 0.20
C SER A 134 12.64 10.48 -1.04
N ALA A 135 11.70 9.56 -0.89
CA ALA A 135 10.86 9.11 -1.99
C ALA A 135 9.98 10.23 -2.55
N ILE A 136 9.40 11.04 -1.67
CA ILE A 136 8.65 12.20 -2.11
C ILE A 136 9.52 13.18 -2.93
N THR A 137 10.74 13.46 -2.50
CA THR A 137 11.62 14.38 -3.24
C THR A 137 11.94 13.82 -4.64
N THR A 138 12.28 12.53 -4.68
CA THR A 138 12.62 11.84 -5.92
C THR A 138 11.47 11.86 -6.93
N LEU A 139 10.24 11.69 -6.46
CA LEU A 139 9.08 11.76 -7.35
C LEU A 139 8.67 13.20 -7.72
N PHE A 140 8.75 14.08 -6.74
CA PHE A 140 8.51 15.51 -6.93
C PHE A 140 9.37 16.04 -8.09
N TYR A 141 10.68 15.87 -7.96
CA TYR A 141 11.62 16.17 -9.04
C TYR A 141 11.86 14.90 -9.84
N TYR A 142 10.81 14.45 -10.50
CA TYR A 142 10.82 13.18 -11.23
C TYR A 142 12.09 12.97 -12.02
N ASN A 143 12.74 11.85 -11.70
CA ASN A 143 13.87 11.34 -12.44
C ASN A 143 13.53 9.89 -12.73
N ALA A 144 13.39 9.58 -14.01
CA ALA A 144 12.93 8.27 -14.43
C ALA A 144 13.68 7.16 -13.71
N ASN A 145 14.98 7.38 -13.56
CA ASN A 145 15.88 6.35 -13.09
C ASN A 145 15.94 6.15 -11.58
N SER A 146 15.24 6.99 -10.83
CA SER A 146 15.15 6.82 -9.38
C SER A 146 13.71 6.48 -8.99
N ALA A 147 12.79 6.77 -9.90
CA ALA A 147 11.37 6.65 -9.66
C ALA A 147 10.90 5.27 -9.15
N ALA A 148 11.37 4.19 -9.75
CA ALA A 148 10.90 2.85 -9.39
C ALA A 148 11.11 2.51 -7.92
N SER A 149 12.34 2.73 -7.45
CA SER A 149 12.71 2.56 -6.05
C SER A 149 11.83 3.42 -5.13
N ALA A 150 11.64 4.69 -5.50
CA ALA A 150 10.82 5.62 -4.73
C ALA A 150 9.35 5.21 -4.70
N LEU A 151 8.84 4.67 -5.81
CA LEU A 151 7.46 4.23 -5.81
C LEU A 151 7.25 2.99 -4.95
N MET A 152 8.27 2.14 -4.85
CA MET A 152 8.21 1.01 -3.92
C MET A 152 8.18 1.42 -2.45
N VAL A 153 8.93 2.45 -2.09
CA VAL A 153 8.86 2.99 -0.74
C VAL A 153 7.45 3.57 -0.51
N LEU A 154 6.96 4.30 -1.50
CA LEU A 154 5.67 4.96 -1.44
C LEU A 154 4.57 3.91 -1.19
N ILE A 155 4.53 2.87 -2.02
CA ILE A 155 3.51 1.83 -1.90
C ILE A 155 3.56 1.10 -0.54
N GLN A 156 4.77 0.79 -0.08
CA GLN A 156 4.91 0.05 1.17
C GLN A 156 4.55 0.91 2.38
N SER A 157 4.89 2.20 2.29
CA SER A 157 4.54 3.14 3.35
C SER A 157 3.04 3.56 3.41
N THR A 158 2.28 3.28 2.37
CA THR A 158 0.88 3.68 2.34
C THR A 158 0.00 2.44 2.26
N SER A 159 -0.02 1.79 1.09
CA SER A 159 -0.84 0.63 0.84
C SER A 159 -0.58 -0.52 1.80
N GLU A 160 0.69 -0.91 1.93
CA GLU A 160 1.04 -2.09 2.69
C GLU A 160 0.89 -1.85 4.18
N ALA A 161 1.18 -0.62 4.61
CA ALA A 161 0.95 -0.21 6.00
C ALA A 161 -0.54 -0.22 6.37
N ALA A 162 -1.39 0.11 5.40
CA ALA A 162 -2.85 0.12 5.60
C ALA A 162 -3.40 -1.28 5.74
N ARG A 163 -2.81 -2.22 5.01
CA ARG A 163 -3.27 -3.61 4.99
C ARG A 163 -2.87 -4.40 6.25
N TYR A 164 -1.74 -4.06 6.86
CA TYR A 164 -1.20 -4.82 7.99
C TYR A 164 -0.71 -3.90 9.11
N LYS A 165 -1.19 -4.16 10.32
CA LYS A 165 -0.73 -3.45 11.53
C LYS A 165 0.79 -3.60 11.80
N PHE A 166 1.34 -4.78 11.51
CA PHE A 166 2.76 -5.04 11.70
C PHE A 166 3.63 -4.14 10.82
N ILE A 167 3.24 -3.96 9.57
CA ILE A 167 4.00 -3.09 8.66
C ILE A 167 3.87 -1.60 9.07
N GLU A 168 2.66 -1.17 9.43
CA GLU A 168 2.43 0.16 9.95
C GLU A 168 3.36 0.43 11.14
N GLN A 169 3.39 -0.50 12.09
CA GLN A 169 4.21 -0.33 13.28
C GLN A 169 5.70 -0.31 12.98
N GLN A 170 6.15 -1.18 12.08
CA GLN A 170 7.59 -1.27 11.79
C GLN A 170 8.09 0.00 11.13
N ILE A 171 7.31 0.53 10.21
CA ILE A 171 7.66 1.78 9.53
C ILE A 171 7.55 2.98 10.47
N GLY A 172 6.46 3.06 11.25
CA GLY A 172 6.21 4.23 12.07
C GLY A 172 7.25 4.44 13.15
N LYS A 173 7.82 3.33 13.57
CA LYS A 173 8.87 3.26 14.59
C LYS A 173 10.10 4.04 14.16
N ARG A 174 10.40 4.01 12.86
CA ARG A 174 11.65 4.60 12.36
C ARG A 174 11.45 6.05 11.92
N VAL A 175 11.59 6.96 12.89
CA VAL A 175 11.29 8.37 12.68
C VAL A 175 12.51 9.11 12.17
N ASP A 176 13.68 8.78 12.70
CA ASP A 176 14.89 9.49 12.28
C ASP A 176 15.97 8.53 11.79
N LYS A 177 15.61 7.27 11.62
CA LYS A 177 16.51 6.33 10.97
C LYS A 177 15.72 5.56 9.93
N THR A 178 16.44 4.76 9.16
CA THR A 178 15.83 3.84 8.21
C THR A 178 16.23 2.39 8.47
N PHE A 179 15.47 1.46 7.90
CA PHE A 179 15.69 0.04 8.12
C PHE A 179 15.35 -0.74 6.85
N LEU A 180 15.96 -1.91 6.76
CA LEU A 180 15.69 -2.82 5.66
C LEU A 180 14.61 -3.79 6.13
N PRO A 181 13.53 -3.93 5.33
CA PRO A 181 12.42 -4.83 5.68
C PRO A 181 12.83 -6.31 5.76
N SER A 182 12.36 -7.00 6.79
CA SER A 182 12.62 -8.44 6.90
C SER A 182 11.78 -9.21 5.89
N LEU A 183 12.02 -10.52 5.83
CA LEU A 183 11.19 -11.38 5.01
C LEU A 183 9.78 -11.55 5.60
N ALA A 184 9.61 -11.20 6.87
CA ALA A 184 8.27 -11.21 7.46
C ALA A 184 7.38 -10.15 6.80
N ILE A 185 7.94 -8.96 6.58
CA ILE A 185 7.23 -7.87 5.91
C ILE A 185 6.93 -8.25 4.43
N ILE A 186 7.95 -8.73 3.73
CA ILE A 186 7.83 -9.16 2.34
C ILE A 186 6.80 -10.30 2.16
N SER A 187 6.77 -11.28 3.08
CA SER A 187 5.83 -12.38 2.97
C SER A 187 4.38 -11.93 3.18
N LEU A 188 4.17 -10.98 4.09
CA LEU A 188 2.85 -10.38 4.26
C LEU A 188 2.41 -9.67 2.99
N GLU A 189 3.31 -8.88 2.40
CA GLU A 189 3.02 -8.20 1.15
C GLU A 189 2.67 -9.21 0.04
N ASN A 190 3.48 -10.26 -0.09
CA ASN A 190 3.24 -11.29 -1.08
C ASN A 190 1.89 -11.99 -0.89
N SER A 191 1.47 -12.16 0.36
CA SER A 191 0.34 -13.03 0.70
C SER A 191 -1.02 -12.37 0.96
N TRP A 192 -1.12 -11.06 0.78
CA TRP A 192 -2.34 -10.33 1.10
C TRP A 192 -3.56 -10.90 0.38
N SER A 193 -3.39 -11.20 -0.89
CA SER A 193 -4.48 -11.69 -1.73
C SER A 193 -4.95 -13.06 -1.26
N ALA A 194 -4.00 -13.98 -1.06
CA ALA A 194 -4.29 -15.34 -0.63
C ALA A 194 -4.93 -15.36 0.76
N LEU A 195 -4.38 -14.59 1.69
CA LEU A 195 -4.96 -14.49 3.04
C LEU A 195 -6.40 -13.99 2.97
N SER A 196 -6.61 -12.92 2.21
CA SER A 196 -7.95 -12.36 2.03
C SER A 196 -8.91 -13.42 1.51
N LYS A 197 -8.50 -14.14 0.49
CA LYS A 197 -9.37 -15.16 -0.12
C LYS A 197 -9.76 -16.25 0.90
N GLN A 198 -8.75 -16.78 1.59
CA GLN A 198 -8.93 -17.84 2.56
C GLN A 198 -9.75 -17.40 3.76
N ILE A 199 -9.60 -16.14 4.17
CA ILE A 199 -10.39 -15.64 5.30
C ILE A 199 -11.87 -15.54 4.93
N GLN A 200 -12.14 -15.18 3.68
CA GLN A 200 -13.51 -15.16 3.16
C GLN A 200 -14.09 -16.57 3.06
N ILE A 201 -13.29 -17.51 2.57
CA ILE A 201 -13.67 -18.94 2.58
C ILE A 201 -13.90 -19.46 4.02
N ALA A 202 -12.98 -19.15 4.93
CA ALA A 202 -13.05 -19.62 6.30
C ALA A 202 -14.40 -19.29 6.93
N SER A 203 -14.97 -18.16 6.54
CA SER A 203 -16.19 -17.67 7.17
C SER A 203 -17.36 -18.55 6.78
N THR A 204 -17.17 -19.35 5.74
CA THR A 204 -18.19 -20.28 5.29
C THR A 204 -17.80 -21.71 5.65
N ASN A 205 -16.68 -21.87 6.36
CA ASN A 205 -16.05 -23.18 6.51
C ASN A 205 -15.57 -23.33 7.96
N ASN A 206 -16.39 -22.83 8.87
CA ASN A 206 -16.11 -22.93 10.29
C ASN A 206 -14.71 -22.45 10.67
N GLY A 207 -14.27 -21.40 9.99
CA GLY A 207 -13.04 -20.71 10.36
C GLY A 207 -11.80 -21.39 9.86
N GLN A 208 -12.00 -22.42 9.04
CA GLN A 208 -10.89 -23.17 8.46
C GLN A 208 -10.61 -22.69 7.04
N PHE A 209 -9.31 -22.48 6.72
CA PHE A 209 -8.89 -22.17 5.35
C PHE A 209 -9.13 -23.40 4.50
N GLU A 210 -9.37 -23.20 3.22
CA GLU A 210 -9.43 -24.31 2.30
C GLU A 210 -8.01 -24.65 1.80
N SER A 211 -7.14 -23.65 1.78
CA SER A 211 -5.77 -23.87 1.37
C SER A 211 -4.87 -23.05 2.29
N PRO A 212 -3.86 -23.68 2.89
CA PRO A 212 -2.92 -23.04 3.82
C PRO A 212 -2.18 -21.90 3.14
N VAL A 213 -1.72 -20.95 3.94
CA VAL A 213 -0.89 -19.86 3.45
C VAL A 213 0.43 -19.97 4.23
N VAL A 214 1.54 -20.07 3.52
CA VAL A 214 2.86 -20.12 4.17
C VAL A 214 3.46 -18.71 4.27
N LEU A 215 3.72 -18.30 5.50
CA LEU A 215 4.23 -16.98 5.79
C LEU A 215 5.61 -17.19 6.39
N ILE A 216 6.40 -16.13 6.45
CA ILE A 216 7.65 -16.19 7.18
C ILE A 216 7.50 -15.29 8.40
N ASN A 217 7.87 -15.83 9.54
CA ASN A 217 7.65 -15.08 10.76
C ASN A 217 8.87 -14.23 11.17
N ALA A 218 8.69 -13.49 12.27
CA ALA A 218 9.71 -12.57 12.73
C ALA A 218 11.02 -13.28 13.03
N GLN A 219 11.01 -14.62 13.11
CA GLN A 219 12.23 -15.39 13.30
C GLN A 219 12.67 -16.03 12.00
N ASN A 220 12.03 -15.65 10.90
CA ASN A 220 12.45 -16.11 9.58
C ASN A 220 12.02 -17.50 9.23
N GLN A 221 11.29 -18.14 10.13
CA GLN A 221 10.82 -19.49 9.87
C GLN A 221 9.51 -19.47 9.06
N ARG A 222 9.49 -20.36 8.07
CA ARG A 222 8.31 -20.57 7.25
C ARG A 222 7.25 -21.20 8.15
N VAL A 223 6.11 -20.53 8.25
CA VAL A 223 4.98 -21.05 9.01
C VAL A 223 3.76 -21.25 8.12
N THR A 224 3.00 -22.31 8.38
CA THR A 224 1.82 -22.61 7.60
C THR A 224 0.55 -22.21 8.36
N ILE A 225 -0.22 -21.31 7.76
CA ILE A 225 -1.40 -20.74 8.41
C ILE A 225 -2.63 -21.43 7.83
N THR A 226 -3.53 -21.93 8.70
CA THR A 226 -4.67 -22.75 8.28
C THR A 226 -6.05 -22.30 8.75
N ASN A 227 -6.10 -21.32 9.64
CA ASN A 227 -7.39 -20.87 10.17
C ASN A 227 -7.35 -19.44 10.71
N VAL A 228 -8.51 -18.97 11.15
CA VAL A 228 -8.67 -17.61 11.61
C VAL A 228 -8.24 -17.36 13.07
N ASP A 229 -7.75 -18.38 13.76
CA ASP A 229 -7.22 -18.18 15.12
C ASP A 229 -5.72 -17.89 15.11
N ALA A 230 -5.11 -17.95 13.92
CA ALA A 230 -3.70 -17.57 13.74
C ALA A 230 -3.53 -16.07 14.04
N GLY A 231 -2.37 -15.70 14.56
CA GLY A 231 -2.16 -14.31 14.94
C GLY A 231 -2.24 -13.34 13.78
N VAL A 232 -1.80 -13.76 12.59
CA VAL A 232 -1.84 -12.86 11.45
C VAL A 232 -3.27 -12.40 11.18
N VAL A 233 -4.23 -13.27 11.48
CA VAL A 233 -5.65 -12.97 11.26
C VAL A 233 -6.22 -12.19 12.44
N THR A 234 -5.89 -12.62 13.65
CA THR A 234 -6.45 -12.02 14.88
C THR A 234 -5.92 -10.61 15.17
N SER A 235 -4.67 -10.39 14.83
CA SER A 235 -3.94 -9.26 15.38
C SER A 235 -3.11 -8.45 14.39
N ASN A 236 -3.26 -8.69 13.11
CA ASN A 236 -2.35 -8.07 12.14
C ASN A 236 -3.06 -7.57 10.89
N ILE A 237 -3.61 -8.46 10.08
CA ILE A 237 -4.24 -8.03 8.83
C ILE A 237 -5.42 -7.08 9.13
N ALA A 238 -5.47 -5.93 8.45
CA ALA A 238 -6.40 -4.85 8.79
C ALA A 238 -7.42 -4.55 7.70
N LEU A 239 -7.25 -5.18 6.54
CA LEU A 239 -8.16 -4.98 5.40
C LEU A 239 -8.20 -6.25 4.56
N LEU A 240 -9.36 -6.55 3.99
CA LEU A 240 -9.52 -7.74 3.16
C LEU A 240 -9.87 -7.36 1.73
N LEU A 241 -9.10 -7.90 0.78
CA LEU A 241 -9.40 -7.78 -0.65
C LEU A 241 -10.60 -8.66 -0.95
N ASN A 242 -11.59 -8.08 -1.61
CA ASN A 242 -12.78 -8.81 -1.97
C ASN A 242 -12.42 -9.93 -2.93
N ARG A 243 -13.00 -11.11 -2.69
CA ARG A 243 -12.77 -12.27 -3.54
C ARG A 243 -13.03 -11.97 -5.02
N ASN A 244 -13.91 -11.00 -5.28
CA ASN A 244 -14.18 -10.65 -6.67
C ASN A 244 -13.06 -9.85 -7.33
N ASN A 245 -12.07 -9.41 -6.56
CA ASN A 245 -10.86 -8.84 -7.14
C ASN A 245 -9.70 -9.85 -7.18
N MET A 246 -9.79 -10.93 -6.39
CA MET A 246 -9.09 -12.16 -6.75
C MET A 246 -9.84 -12.65 -7.99
N ALA A 247 -9.12 -13.22 -8.94
CA ALA A 247 -9.76 -13.86 -10.06
C ALA A 247 -9.27 -15.31 -10.12
#